data_7OSP
#
_entry.id   7OSP
#
_cell.length_a   45.310
_cell.length_b   68.550
_cell.length_c   159.630
_cell.angle_alpha   90.000
_cell.angle_beta   90.000
_cell.angle_gamma   90.000
#
_symmetry.space_group_name_H-M   'P 21 21 21'
#
loop_
_entity.id
_entity.type
_entity.pdbx_description
1 polymer 'Protein mono-ADP-ribosyltransferase PARP15'
2 non-polymer 4-[(3-bromophenyl)methoxy]benzamide
3 non-polymer (4S)-2-METHYL-2,4-PENTANEDIOL
4 non-polymer 'DIMETHYL SULFOXIDE'
5 water water
#
_entity_poly.entity_id   1
_entity_poly.type   'polypeptide(L)'
_entity_poly.pdbx_seq_one_letter_code
;MHHHHHHSSGVDLGTENLYFQSMNLPEHWTDMNHQLFCMVQLEPGQSEYNTIKDKFTRTCSSYAIEKIERIQNAFLWQSY
QVKKRQMDIKNDHKNNERLLFHGTDADSVPYVNQHGFNRSCAGKNAVSYGKGTYFAVDASYSAKDTYSKPDSNGRKHMYV
VRVLTGVFTKGRAGLVTPPPKNPHNPTDLFDSVTNNTRSPKLFVVFFDNQAYPEYLITFTA
;
_entity_poly.pdbx_strand_id   A,B
#
loop_
_chem_comp.id
_chem_comp.type
_chem_comp.name
_chem_comp.formula
0Q6 non-polymer 4-[(3-bromophenyl)methoxy]benzamide 'C14 H12 Br N O2'
DMS non-polymer 'DIMETHYL SULFOXIDE' 'C2 H6 O S'
MPD non-polymer (4S)-2-METHYL-2,4-PENTANEDIOL 'C6 H14 O2'
#
# COMPACT_ATOMS: atom_id res chain seq x y z
N ASN A 24 -14.37 -12.88 -5.76
CA ASN A 24 -15.57 -12.29 -6.45
C ASN A 24 -15.13 -11.52 -7.70
N LEU A 25 -14.57 -12.22 -8.67
CA LEU A 25 -14.08 -11.61 -9.94
C LEU A 25 -15.26 -11.17 -10.80
N PRO A 26 -15.21 -9.98 -11.44
CA PRO A 26 -16.34 -9.41 -12.16
C PRO A 26 -16.89 -10.25 -13.33
N GLU A 27 -18.20 -10.16 -13.55
CA GLU A 27 -18.96 -10.97 -14.56
C GLU A 27 -18.38 -10.75 -15.97
N HIS A 28 -17.94 -9.54 -16.33
CA HIS A 28 -17.49 -9.22 -17.71
C HIS A 28 -16.06 -9.71 -17.96
N TRP A 29 -15.34 -10.14 -16.92
CA TRP A 29 -14.03 -10.81 -17.16
C TRP A 29 -14.28 -12.09 -17.94
N THR A 30 -13.23 -12.56 -18.60
CA THR A 30 -13.25 -13.84 -19.31
C THR A 30 -12.46 -14.87 -18.50
N ASP A 31 -12.74 -16.16 -18.73
CA ASP A 31 -12.12 -17.27 -17.97
C ASP A 31 -10.59 -17.23 -18.11
N MET A 32 -9.86 -17.57 -17.05
CA MET A 32 -8.38 -17.49 -16.99
C MET A 32 -7.76 -18.86 -16.73
N ASN A 33 -8.52 -19.93 -16.96
CA ASN A 33 -8.00 -21.33 -16.83
C ASN A 33 -7.27 -21.44 -15.50
N HIS A 34 -7.91 -20.98 -14.42
CA HIS A 34 -7.46 -21.18 -13.01
C HIS A 34 -6.20 -20.37 -12.74
N GLN A 35 -5.89 -19.36 -13.57
CA GLN A 35 -4.80 -18.40 -13.28
C GLN A 35 -5.36 -17.07 -12.75
N LEU A 36 -4.45 -16.26 -12.24
CA LEU A 36 -4.79 -15.08 -11.42
C LEU A 36 -4.50 -13.77 -12.15
N PHE A 37 -3.82 -13.82 -13.30
CA PHE A 37 -3.44 -12.61 -14.06
C PHE A 37 -3.51 -12.88 -15.56
N CYS A 38 -4.22 -12.03 -16.28
CA CYS A 38 -4.07 -11.99 -17.74
CA CYS A 38 -4.30 -12.07 -17.76
C CYS A 38 -4.58 -10.68 -18.31
N MET A 39 -3.97 -10.34 -19.44
CA MET A 39 -4.30 -9.17 -20.26
C MET A 39 -5.15 -9.69 -21.42
N VAL A 40 -6.34 -9.17 -21.55
CA VAL A 40 -7.28 -9.66 -22.58
C VAL A 40 -7.50 -8.56 -23.60
N GLN A 41 -7.08 -8.80 -24.84
CA GLN A 41 -7.30 -7.81 -25.91
C GLN A 41 -8.80 -7.77 -26.22
N LEU A 42 -9.37 -6.57 -26.29
CA LEU A 42 -10.82 -6.37 -26.58
C LEU A 42 -11.07 -6.41 -28.09
N GLU A 43 -12.23 -6.98 -28.44
CA GLU A 43 -12.79 -7.05 -29.80
C GLU A 43 -13.39 -5.68 -30.10
N PRO A 44 -12.80 -4.93 -31.06
CA PRO A 44 -13.42 -3.73 -31.60
C PRO A 44 -14.87 -3.99 -32.06
N GLY A 45 -15.74 -3.01 -31.78
CA GLY A 45 -17.16 -2.97 -32.16
C GLY A 45 -18.05 -3.59 -31.10
N GLN A 46 -17.50 -4.23 -30.07
CA GLN A 46 -18.35 -4.80 -29.01
C GLN A 46 -18.55 -3.75 -27.91
N SER A 47 -19.63 -3.90 -27.18
CA SER A 47 -20.14 -2.92 -26.19
C SER A 47 -18.98 -2.42 -25.32
N GLU A 48 -18.18 -3.32 -24.77
CA GLU A 48 -17.10 -2.96 -23.81
C GLU A 48 -16.04 -2.08 -24.50
N TYR A 49 -15.49 -2.56 -25.60
CA TYR A 49 -14.49 -1.81 -26.39
C TYR A 49 -15.03 -0.42 -26.77
N ASN A 50 -16.27 -0.36 -27.26
CA ASN A 50 -16.91 0.91 -27.69
C ASN A 50 -16.91 1.89 -26.51
N THR A 51 -17.26 1.41 -25.32
CA THR A 51 -17.45 2.23 -24.13
C THR A 51 -16.08 2.85 -23.80
N ILE A 52 -15.03 2.05 -23.80
CA ILE A 52 -13.69 2.55 -23.35
C ILE A 52 -13.15 3.50 -24.42
N LYS A 53 -13.26 3.12 -25.68
CA LYS A 53 -12.77 3.99 -26.77
CA LYS A 53 -12.85 3.96 -26.83
C LYS A 53 -13.46 5.36 -26.69
N ASP A 54 -14.76 5.40 -26.42
CA ASP A 54 -15.51 6.68 -26.39
C ASP A 54 -14.97 7.56 -25.25
N LYS A 55 -14.61 6.97 -24.12
CA LYS A 55 -14.10 7.77 -22.97
C LYS A 55 -12.80 8.47 -23.41
N PHE A 56 -12.00 7.78 -24.22
CA PHE A 56 -10.70 8.28 -24.72
C PHE A 56 -10.94 9.34 -25.80
N THR A 57 -11.83 9.08 -26.77
CA THR A 57 -12.09 10.02 -27.92
C THR A 57 -12.84 11.26 -27.54
N ARG A 58 -13.40 11.31 -26.34
CA ARG A 58 -14.01 12.56 -25.84
C ARG A 58 -12.95 13.68 -25.94
N THR A 59 -11.67 13.38 -25.68
CA THR A 59 -10.59 14.41 -25.70
C THR A 59 -9.39 14.00 -26.57
N CYS A 60 -9.32 12.75 -27.07
CA CYS A 60 -8.14 12.28 -27.86
C CYS A 60 -8.57 11.74 -29.22
N SER A 61 -9.54 12.37 -29.86
CA SER A 61 -10.07 11.86 -31.15
C SER A 61 -9.01 11.99 -32.26
N SER A 62 -7.95 12.80 -32.10
CA SER A 62 -6.93 13.02 -33.15
C SER A 62 -5.89 11.88 -33.11
N TYR A 63 -5.95 10.99 -32.13
CA TYR A 63 -4.95 9.90 -31.96
C TYR A 63 -5.41 8.68 -32.78
N ALA A 64 -4.58 7.65 -32.82
CA ALA A 64 -4.88 6.36 -33.46
C ALA A 64 -4.79 5.28 -32.37
N ILE A 65 -5.87 4.55 -32.11
CA ILE A 65 -5.88 3.40 -31.15
C ILE A 65 -5.38 2.16 -31.89
N GLU A 66 -4.35 1.53 -31.36
CA GLU A 66 -3.85 0.23 -31.86
C GLU A 66 -4.64 -0.89 -31.18
N LYS A 67 -4.77 -0.88 -29.86
CA LYS A 67 -5.59 -1.90 -29.17
C LYS A 67 -5.95 -1.40 -27.80
N ILE A 68 -6.96 -2.03 -27.24
CA ILE A 68 -7.40 -1.84 -25.85
C ILE A 68 -7.35 -3.22 -25.19
N GLU A 69 -6.74 -3.30 -24.02
CA GLU A 69 -6.64 -4.55 -23.25
C GLU A 69 -7.37 -4.39 -21.93
N ARG A 70 -8.16 -5.39 -21.55
CA ARG A 70 -8.72 -5.51 -20.18
C ARG A 70 -7.67 -6.17 -19.29
N ILE A 71 -7.38 -5.50 -18.16
CA ILE A 71 -6.45 -6.03 -17.13
C ILE A 71 -7.23 -6.89 -16.14
N GLN A 72 -6.94 -8.18 -16.13
CA GLN A 72 -7.58 -9.11 -15.19
C GLN A 72 -6.53 -9.54 -14.18
N ASN A 73 -6.44 -8.80 -13.08
CA ASN A 73 -5.45 -9.06 -12.02
C ASN A 73 -6.23 -9.35 -10.74
N ALA A 74 -6.40 -10.63 -10.42
CA ALA A 74 -7.30 -11.04 -9.32
C ALA A 74 -6.81 -10.42 -8.01
N PHE A 75 -5.52 -10.49 -7.74
CA PHE A 75 -5.00 -9.98 -6.44
C PHE A 75 -5.23 -8.46 -6.30
N LEU A 76 -4.88 -7.69 -7.32
CA LEU A 76 -5.05 -6.22 -7.28
C LEU A 76 -6.53 -5.92 -7.15
N TRP A 77 -7.38 -6.66 -7.84
CA TRP A 77 -8.83 -6.41 -7.76
C TRP A 77 -9.30 -6.66 -6.33
N GLN A 78 -8.88 -7.78 -5.73
CA GLN A 78 -9.23 -8.17 -4.35
CA GLN A 78 -9.34 -8.11 -4.37
C GLN A 78 -8.89 -7.01 -3.40
N SER A 79 -7.63 -6.58 -3.45
CA SER A 79 -7.13 -5.54 -2.50
C SER A 79 -7.89 -4.22 -2.71
N TYR A 80 -8.14 -3.87 -3.95
CA TYR A 80 -8.91 -2.66 -4.33
C TYR A 80 -10.33 -2.74 -3.79
N GLN A 81 -11.00 -3.89 -4.01
CA GLN A 81 -12.42 -4.01 -3.58
C GLN A 81 -12.52 -3.97 -2.06
N VAL A 82 -11.54 -4.51 -1.35
CA VAL A 82 -11.50 -4.40 0.12
C VAL A 82 -11.41 -2.91 0.48
N LYS A 83 -10.53 -2.17 -0.18
CA LYS A 83 -10.43 -0.73 0.14
C LYS A 83 -11.72 0.00 -0.20
N LYS A 84 -12.40 -0.39 -1.28
CA LYS A 84 -13.65 0.28 -1.67
C LYS A 84 -14.68 0.02 -0.59
N ARG A 85 -14.80 -1.25 -0.17
CA ARG A 85 -15.83 -1.55 0.85
CA ARG A 85 -15.77 -1.61 0.89
C ARG A 85 -15.54 -0.74 2.13
N GLN A 86 -14.28 -0.60 2.51
CA GLN A 86 -13.92 0.15 3.73
C GLN A 86 -14.28 1.63 3.53
N MET A 87 -13.98 2.16 2.36
CA MET A 87 -14.21 3.60 2.10
C MET A 87 -15.72 3.88 2.04
N ASP A 88 -16.51 2.94 1.53
CA ASP A 88 -17.98 3.05 1.47
C ASP A 88 -18.52 3.08 2.92
N ILE A 89 -17.99 2.26 3.82
CA ILE A 89 -18.37 2.28 5.27
C ILE A 89 -17.97 3.61 5.90
N LYS A 90 -16.68 3.97 5.79
CA LYS A 90 -16.09 5.17 6.41
C LYS A 90 -16.90 6.39 6.00
N ASN A 91 -17.17 6.57 4.70
CA ASN A 91 -17.82 7.79 4.15
C ASN A 91 -19.35 7.69 4.24
N ASP A 92 -19.87 6.50 4.58
CA ASP A 92 -21.31 6.22 4.77
C ASP A 92 -22.07 6.50 3.47
N HIS A 93 -21.42 6.34 2.32
CA HIS A 93 -22.09 6.39 0.99
C HIS A 93 -21.18 5.66 0.01
N LYS A 94 -21.74 5.27 -1.14
CA LYS A 94 -20.97 4.90 -2.35
C LYS A 94 -20.54 6.24 -2.99
N ASN A 95 -20.34 6.30 -4.29
CA ASN A 95 -19.88 7.54 -4.96
C ASN A 95 -18.45 7.86 -4.52
N ASN A 96 -17.65 6.85 -4.15
CA ASN A 96 -16.24 7.05 -3.77
C ASN A 96 -15.30 6.75 -4.94
N GLU A 97 -15.85 6.28 -6.06
CA GLU A 97 -15.06 5.80 -7.20
C GLU A 97 -15.27 6.72 -8.42
N ARG A 98 -14.20 6.97 -9.16
CA ARG A 98 -14.15 7.74 -10.43
CA ARG A 98 -14.40 7.47 -10.52
C ARG A 98 -13.32 6.93 -11.44
N LEU A 99 -13.61 7.04 -12.73
CA LEU A 99 -12.77 6.46 -13.80
C LEU A 99 -11.86 7.57 -14.34
N LEU A 100 -10.56 7.36 -14.20
CA LEU A 100 -9.56 8.39 -14.56
C LEU A 100 -8.51 7.77 -15.47
N PHE A 101 -7.63 8.60 -16.00
CA PHE A 101 -6.60 8.19 -16.96
C PHE A 101 -5.21 8.29 -16.34
N HIS A 102 -4.30 7.42 -16.74
CA HIS A 102 -2.89 7.51 -16.32
C HIS A 102 -1.99 7.13 -17.48
N GLY A 103 -1.25 8.11 -17.97
CA GLY A 103 -0.23 7.92 -19.01
C GLY A 103 1.06 7.45 -18.40
N THR A 104 1.74 6.49 -19.01
CA THR A 104 3.05 6.04 -18.50
C THR A 104 3.91 5.58 -19.67
N ASP A 105 5.16 5.32 -19.38
CA ASP A 105 6.15 4.85 -20.37
C ASP A 105 6.01 3.33 -20.53
N ALA A 106 6.48 2.80 -21.65
CA ALA A 106 6.39 1.37 -21.96
C ALA A 106 7.07 0.53 -20.89
N ASP A 107 8.18 1.01 -20.33
CA ASP A 107 8.98 0.19 -19.40
C ASP A 107 8.23 0.03 -18.07
N SER A 108 7.22 0.86 -17.79
CA SER A 108 6.45 0.79 -16.51
C SER A 108 5.20 -0.08 -16.68
N VAL A 109 4.81 -0.40 -17.90
CA VAL A 109 3.51 -1.10 -18.15
C VAL A 109 3.51 -2.48 -17.48
N PRO A 110 4.55 -3.33 -17.62
CA PRO A 110 4.52 -4.65 -16.98
C PRO A 110 4.35 -4.55 -15.45
N TYR A 111 5.00 -3.57 -14.84
CA TYR A 111 4.91 -3.38 -13.38
C TYR A 111 3.46 -3.01 -13.01
N VAL A 112 2.88 -2.03 -13.72
CA VAL A 112 1.53 -1.53 -13.39
C VAL A 112 0.54 -2.68 -13.58
N ASN A 113 0.67 -3.41 -14.67
CA ASN A 113 -0.29 -4.52 -14.92
C ASN A 113 -0.29 -5.51 -13.76
N GLN A 114 0.88 -5.82 -13.20
CA GLN A 114 1.04 -6.86 -12.16
CA GLN A 114 1.04 -6.86 -12.16
C GLN A 114 0.82 -6.28 -10.75
N HIS A 115 1.28 -5.06 -10.50
CA HIS A 115 1.43 -4.51 -9.13
C HIS A 115 0.62 -3.22 -8.92
N GLY A 116 0.04 -2.66 -9.97
CA GLY A 116 -0.71 -1.41 -9.84
C GLY A 116 0.23 -0.23 -9.68
N PHE A 117 -0.28 0.82 -9.08
CA PHE A 117 0.39 2.13 -8.99
C PHE A 117 1.18 2.22 -7.70
N ASN A 118 2.37 2.78 -7.82
CA ASN A 118 3.31 2.87 -6.68
C ASN A 118 3.83 4.29 -6.59
N ARG A 119 3.43 4.99 -5.53
CA ARG A 119 3.88 6.40 -5.30
C ARG A 119 5.41 6.47 -5.18
N SER A 120 6.08 5.38 -4.83
CA SER A 120 7.56 5.37 -4.64
C SER A 120 8.29 5.38 -5.98
N CYS A 121 7.58 5.17 -7.09
CA CYS A 121 8.09 5.37 -8.47
C CYS A 121 7.78 6.82 -8.88
N ALA A 126 6.73 16.09 -12.08
CA ALA A 126 6.39 17.23 -11.19
C ALA A 126 5.20 16.84 -10.31
N VAL A 127 5.31 17.07 -9.00
CA VAL A 127 4.42 16.51 -7.93
C VAL A 127 3.93 17.67 -7.04
N SER A 128 3.46 18.71 -7.74
CA SER A 128 2.93 19.98 -7.22
C SER A 128 1.78 19.77 -6.23
N TYR A 129 0.99 18.69 -6.27
CA TYR A 129 -0.17 18.55 -5.37
C TYR A 129 0.08 17.44 -4.34
N GLY A 130 1.31 16.92 -4.28
CA GLY A 130 1.70 15.88 -3.32
C GLY A 130 2.44 14.72 -3.95
N LYS A 131 3.11 13.95 -3.11
CA LYS A 131 3.95 12.79 -3.51
C LYS A 131 3.05 11.55 -3.55
N GLY A 132 2.21 11.48 -4.56
CA GLY A 132 1.36 10.30 -4.76
C GLY A 132 1.32 9.93 -6.22
N THR A 133 0.36 9.11 -6.59
CA THR A 133 0.14 8.76 -8.00
C THR A 133 -0.91 9.72 -8.56
N TYR A 134 -0.65 10.24 -9.75
CA TYR A 134 -1.47 11.24 -10.43
C TYR A 134 -2.39 10.56 -11.43
N PHE A 135 -3.63 11.01 -11.46
CA PHE A 135 -4.66 10.56 -12.42
C PHE A 135 -5.36 11.78 -13.02
N ALA A 136 -5.61 11.74 -14.34
CA ALA A 136 -6.23 12.85 -15.09
C ALA A 136 -7.70 12.55 -15.32
N VAL A 137 -8.51 13.58 -15.26
CA VAL A 137 -9.94 13.52 -15.66
C VAL A 137 -10.02 13.34 -17.18
N ASP A 138 -9.17 14.03 -17.93
CA ASP A 138 -9.21 14.03 -19.40
C ASP A 138 -8.07 13.18 -19.96
N ALA A 139 -8.37 12.29 -20.91
CA ALA A 139 -7.32 11.47 -21.56
C ALA A 139 -6.27 12.38 -22.21
N SER A 140 -6.69 13.54 -22.71
CA SER A 140 -5.77 14.47 -23.43
C SER A 140 -4.63 14.89 -22.49
N TYR A 141 -4.86 14.97 -21.19
CA TYR A 141 -3.80 15.37 -20.24
C TYR A 141 -2.77 14.22 -20.15
N SER A 142 -3.26 13.00 -19.97
CA SER A 142 -2.43 11.79 -19.86
C SER A 142 -1.73 11.49 -21.21
N ALA A 143 -2.26 12.02 -22.30
CA ALA A 143 -1.73 11.78 -23.67
C ALA A 143 -0.48 12.64 -23.92
N LYS A 144 -0.14 13.58 -23.03
CA LYS A 144 1.10 14.38 -23.17
C LYS A 144 2.29 13.41 -23.19
N ASP A 145 3.28 13.69 -24.03
CA ASP A 145 4.49 12.85 -24.18
C ASP A 145 5.23 12.74 -22.84
N THR A 146 5.16 13.75 -21.95
CA THR A 146 5.83 13.72 -20.62
C THR A 146 5.32 12.54 -19.79
N TYR A 147 4.08 12.07 -20.04
CA TYR A 147 3.43 11.02 -19.23
C TYR A 147 3.40 9.73 -20.04
N SER A 148 2.67 9.73 -21.15
CA SER A 148 2.57 8.55 -22.06
C SER A 148 3.73 8.65 -23.06
N LYS A 149 4.97 8.49 -22.59
CA LYS A 149 6.20 8.69 -23.40
CA LYS A 149 6.22 8.66 -23.38
C LYS A 149 6.16 7.76 -24.61
N PRO A 150 6.30 8.29 -25.86
CA PRO A 150 6.30 7.42 -27.03
C PRO A 150 7.52 6.51 -26.96
N ASP A 151 7.36 5.21 -27.24
CA ASP A 151 8.45 4.19 -27.15
C ASP A 151 9.20 4.27 -28.48
N SER A 152 10.30 3.53 -28.60
CA SER A 152 11.19 3.56 -29.79
C SER A 152 10.35 3.39 -31.07
N ASN A 153 9.17 2.78 -30.98
CA ASN A 153 8.28 2.49 -32.14
C ASN A 153 7.13 3.51 -32.27
N GLY A 154 7.11 4.59 -31.47
CA GLY A 154 6.03 5.62 -31.53
C GLY A 154 4.83 5.28 -30.66
N ARG A 155 4.81 4.10 -30.05
CA ARG A 155 3.61 3.64 -29.31
C ARG A 155 3.53 4.41 -28.00
N LYS A 156 2.32 4.82 -27.64
CA LYS A 156 2.03 5.49 -26.35
C LYS A 156 1.06 4.62 -25.54
N HIS A 157 1.09 4.73 -24.22
CA HIS A 157 0.35 3.82 -23.32
C HIS A 157 -0.39 4.64 -22.29
N MET A 158 -1.68 4.38 -22.14
CA MET A 158 -2.51 5.08 -21.15
C MET A 158 -3.44 4.06 -20.50
N TYR A 159 -3.54 4.09 -19.19
CA TYR A 159 -4.51 3.26 -18.45
C TYR A 159 -5.79 4.04 -18.24
N VAL A 160 -6.89 3.30 -18.23
CA VAL A 160 -8.20 3.71 -17.68
C VAL A 160 -8.31 3.02 -16.32
N VAL A 161 -8.50 3.82 -15.27
CA VAL A 161 -8.23 3.39 -13.89
C VAL A 161 -9.46 3.68 -13.03
N ARG A 162 -9.88 2.68 -12.24
CA ARG A 162 -10.88 2.88 -11.19
C ARG A 162 -10.11 3.46 -9.99
N VAL A 163 -10.48 4.67 -9.59
CA VAL A 163 -9.76 5.36 -8.49
C VAL A 163 -10.76 5.67 -7.37
N LEU A 164 -10.36 5.31 -6.16
CA LEU A 164 -11.15 5.63 -4.95
C LEU A 164 -10.79 7.06 -4.51
N THR A 165 -11.39 8.04 -5.16
CA THR A 165 -11.15 9.48 -4.89
C THR A 165 -11.86 9.85 -3.59
N GLY A 166 -12.96 9.19 -3.25
CA GLY A 166 -13.73 9.46 -2.04
C GLY A 166 -13.98 10.94 -1.82
N VAL A 167 -13.72 11.40 -0.60
CA VAL A 167 -13.86 12.83 -0.20
C VAL A 167 -12.49 13.47 -0.40
N PHE A 168 -12.44 14.54 -1.17
CA PHE A 168 -11.14 15.13 -1.55
C PHE A 168 -11.11 16.61 -1.19
N THR A 169 -9.89 17.11 -1.20
CA THR A 169 -9.57 18.51 -0.91
C THR A 169 -8.45 18.96 -1.85
N LYS A 170 -8.17 20.25 -1.85
CA LYS A 170 -7.07 20.77 -2.68
C LYS A 170 -5.74 20.25 -2.12
N GLY A 171 -4.86 19.79 -3.01
CA GLY A 171 -3.52 19.37 -2.61
C GLY A 171 -2.55 20.54 -2.53
N ARG A 172 -1.32 20.20 -2.23
CA ARG A 172 -0.19 21.16 -2.17
CA ARG A 172 -0.18 21.16 -2.19
C ARG A 172 1.12 20.37 -2.18
N ALA A 173 2.19 21.05 -2.51
CA ALA A 173 3.49 20.38 -2.68
C ALA A 173 3.93 19.82 -1.33
N GLY A 174 4.53 18.64 -1.39
CA GLY A 174 5.21 18.03 -0.23
C GLY A 174 4.29 17.16 0.60
N LEU A 175 2.98 17.09 0.30
CA LEU A 175 2.10 16.13 1.02
C LEU A 175 2.62 14.71 0.79
N VAL A 176 2.62 13.90 1.82
CA VAL A 176 2.91 12.44 1.69
C VAL A 176 1.64 11.63 1.97
N THR A 177 0.60 12.24 2.52
CA THR A 177 -0.76 11.66 2.70
C THR A 177 -1.75 12.79 2.50
N PRO A 178 -3.05 12.52 2.27
CA PRO A 178 -4.00 13.63 2.18
C PRO A 178 -4.03 14.34 3.53
N PRO A 179 -4.45 15.62 3.54
CA PRO A 179 -4.62 16.34 4.79
C PRO A 179 -5.71 15.74 5.65
N PRO A 180 -5.73 16.08 6.95
CA PRO A 180 -6.87 15.75 7.80
C PRO A 180 -8.08 16.59 7.42
N LYS A 181 -9.29 16.04 7.62
CA LYS A 181 -10.57 16.74 7.34
C LYS A 181 -10.81 17.82 8.42
N ASN A 182 -10.21 17.66 9.59
CA ASN A 182 -10.28 18.64 10.71
C ASN A 182 -8.99 18.45 11.52
N PRO A 183 -8.11 19.47 11.65
CA PRO A 183 -6.86 19.30 12.40
C PRO A 183 -7.08 18.98 13.88
N HIS A 184 -8.34 19.00 14.35
CA HIS A 184 -8.74 18.54 15.71
C HIS A 184 -8.63 17.01 15.78
N ASN A 185 -8.84 16.30 14.68
CA ASN A 185 -8.64 14.83 14.56
C ASN A 185 -7.66 14.56 13.41
N PRO A 186 -6.34 14.66 13.67
CA PRO A 186 -5.33 14.67 12.61
C PRO A 186 -5.21 13.35 11.85
N THR A 187 -5.77 12.24 12.38
CA THR A 187 -5.69 10.92 11.69
C THR A 187 -6.94 10.64 10.84
N ASP A 188 -8.00 11.44 10.91
CA ASP A 188 -9.20 11.28 10.03
CA ASP A 188 -9.18 11.24 10.01
C ASP A 188 -8.92 12.04 8.73
N LEU A 189 -8.50 11.32 7.68
CA LEU A 189 -7.94 11.99 6.47
C LEU A 189 -8.97 12.08 5.34
N PHE A 190 -8.83 13.10 4.51
CA PHE A 190 -9.37 13.08 3.13
C PHE A 190 -8.86 11.82 2.43
N ASP A 191 -9.63 11.36 1.45
CA ASP A 191 -9.24 10.14 0.68
C ASP A 191 -8.24 10.46 -0.44
N SER A 192 -8.31 11.65 -0.98
CA SER A 192 -7.44 12.06 -2.10
C SER A 192 -7.34 13.58 -2.14
N VAL A 193 -6.47 14.08 -3.00
CA VAL A 193 -6.41 15.54 -3.23
C VAL A 193 -6.52 15.80 -4.72
N THR A 194 -6.84 17.04 -5.03
CA THR A 194 -7.07 17.49 -6.41
C THR A 194 -6.44 18.85 -6.62
N ASN A 195 -6.43 19.33 -7.85
CA ASN A 195 -5.99 20.71 -8.16
C ASN A 195 -7.09 21.72 -7.83
N ASN A 196 -8.36 21.33 -7.88
CA ASN A 196 -9.51 22.27 -7.79
C ASN A 196 -10.73 21.46 -7.36
N THR A 197 -11.26 21.71 -6.16
CA THR A 197 -12.36 20.91 -5.58
C THR A 197 -13.65 21.10 -6.39
N ARG A 198 -13.89 22.27 -6.98
CA ARG A 198 -15.19 22.59 -7.64
C ARG A 198 -15.17 21.96 -9.03
N SER A 199 -14.02 21.97 -9.68
CA SER A 199 -13.87 21.52 -11.08
C SER A 199 -12.55 20.78 -11.21
N PRO A 200 -12.48 19.54 -10.69
CA PRO A 200 -11.21 18.82 -10.68
C PRO A 200 -10.74 18.41 -12.07
N LYS A 201 -9.44 18.48 -12.29
CA LYS A 201 -8.85 17.94 -13.54
C LYS A 201 -7.83 16.86 -13.24
N LEU A 202 -7.37 16.74 -12.00
CA LEU A 202 -6.41 15.71 -11.61
C LEU A 202 -6.73 15.30 -10.19
N PHE A 203 -6.39 14.06 -9.88
CA PHE A 203 -6.46 13.51 -8.51
C PHE A 203 -5.12 12.86 -8.19
N VAL A 204 -4.77 12.92 -6.91
CA VAL A 204 -3.58 12.24 -6.39
C VAL A 204 -4.02 11.33 -5.26
N VAL A 205 -3.60 10.07 -5.31
CA VAL A 205 -3.84 9.11 -4.19
C VAL A 205 -2.50 8.67 -3.67
N PHE A 206 -2.48 8.36 -2.38
CA PHE A 206 -1.23 8.20 -1.64
C PHE A 206 -1.11 6.83 -1.01
N PHE A 207 -1.99 5.90 -1.37
CA PHE A 207 -1.96 4.54 -0.80
C PHE A 207 -2.10 3.51 -1.91
N ASP A 208 -1.37 2.43 -1.67
N ASP A 208 -1.53 2.32 -1.74
CA ASP A 208 -1.46 1.17 -2.45
CA ASP A 208 -1.41 1.32 -2.83
C ASP A 208 -2.91 0.72 -2.42
C ASP A 208 -2.77 0.79 -3.31
N ASN A 209 -3.39 0.31 -3.59
N ASN A 209 -3.74 0.66 -2.42
CA ASN A 209 -4.66 -0.42 -3.79
CA ASN A 209 -4.95 -0.17 -2.72
C ASN A 209 -5.86 0.56 -3.68
C ASN A 209 -6.03 0.72 -3.30
N GLN A 210 -5.67 1.89 -3.82
CA GLN A 210 -6.73 2.90 -4.04
C GLN A 210 -7.02 3.09 -5.52
N ALA A 211 -6.30 2.38 -6.38
CA ALA A 211 -6.47 2.52 -7.83
C ALA A 211 -6.31 1.15 -8.47
N TYR A 212 -7.25 0.79 -9.33
CA TYR A 212 -7.23 -0.48 -10.10
C TYR A 212 -7.09 -0.16 -11.58
N PRO A 213 -5.96 -0.55 -12.22
CA PRO A 213 -5.78 -0.36 -13.64
C PRO A 213 -6.69 -1.33 -14.41
N GLU A 214 -7.69 -0.78 -15.06
CA GLU A 214 -8.80 -1.59 -15.60
C GLU A 214 -8.57 -1.88 -17.08
N TYR A 215 -8.15 -0.89 -17.86
CA TYR A 215 -7.86 -1.05 -19.29
C TYR A 215 -6.53 -0.38 -19.62
N LEU A 216 -5.84 -0.91 -20.59
CA LEU A 216 -4.61 -0.32 -21.17
C LEU A 216 -4.91 -0.02 -22.61
N ILE A 217 -4.76 1.25 -22.97
CA ILE A 217 -4.92 1.74 -24.35
C ILE A 217 -3.53 1.92 -24.93
N THR A 218 -3.26 1.26 -26.04
CA THR A 218 -2.03 1.46 -26.82
C THR A 218 -2.41 2.29 -28.03
N PHE A 219 -1.76 3.44 -28.25
CA PHE A 219 -2.17 4.44 -29.25
C PHE A 219 -0.98 5.20 -29.78
N THR A 220 -1.21 5.95 -30.87
CA THR A 220 -0.20 6.82 -31.51
C THR A 220 -0.79 8.19 -31.80
N ALA A 221 0.08 9.18 -31.97
CA ALA A 221 -0.28 10.55 -32.36
C ALA A 221 -0.76 10.60 -33.81
N ASN B 24 -13.97 -10.89 9.18
CA ASN B 24 -12.93 -11.96 9.49
C ASN B 24 -12.25 -11.70 10.85
N LEU B 25 -12.83 -10.89 11.75
CA LEU B 25 -12.05 -10.40 12.93
C LEU B 25 -11.79 -11.55 13.90
N PRO B 26 -10.59 -11.61 14.52
CA PRO B 26 -10.24 -12.72 15.43
C PRO B 26 -11.21 -12.81 16.62
N GLU B 27 -11.56 -14.03 17.02
CA GLU B 27 -12.65 -14.25 18.02
C GLU B 27 -12.16 -13.88 19.43
N HIS B 28 -10.86 -13.77 19.64
CA HIS B 28 -10.25 -13.41 20.96
C HIS B 28 -10.33 -11.88 21.15
N TRP B 29 -10.61 -11.11 20.11
CA TRP B 29 -10.67 -9.64 20.26
C TRP B 29 -11.85 -9.26 21.15
N THR B 30 -11.73 -8.15 21.87
CA THR B 30 -12.89 -7.54 22.54
C THR B 30 -13.93 -7.16 21.50
N ASP B 31 -15.19 -7.24 21.91
CA ASP B 31 -16.34 -6.73 21.15
C ASP B 31 -16.11 -5.23 21.03
N MET B 32 -16.21 -4.68 19.83
CA MET B 32 -15.95 -3.24 19.64
C MET B 32 -17.24 -2.46 19.38
N ASN B 33 -18.41 -3.07 19.59
CA ASN B 33 -19.75 -2.40 19.46
C ASN B 33 -19.83 -1.66 18.12
N HIS B 34 -19.45 -2.33 17.02
CA HIS B 34 -19.53 -1.79 15.63
C HIS B 34 -18.47 -0.70 15.39
N GLN B 35 -17.66 -0.31 16.40
CA GLN B 35 -16.48 0.58 16.21
C GLN B 35 -15.39 -0.18 15.44
N LEU B 36 -14.53 0.55 14.72
CA LEU B 36 -13.55 0.03 13.73
C LEU B 36 -12.16 -0.12 14.37
N PHE B 37 -12.02 0.43 15.57
CA PHE B 37 -10.68 0.59 16.19
C PHE B 37 -10.79 0.65 17.71
N CYS B 38 -9.87 -0.04 18.37
CA CYS B 38 -9.72 -0.01 19.85
CA CYS B 38 -9.60 0.24 19.79
C CYS B 38 -8.29 -0.42 20.25
N MET B 39 -7.79 0.12 21.34
CA MET B 39 -6.56 -0.35 22.01
C MET B 39 -7.02 -1.06 23.27
N VAL B 40 -6.51 -2.26 23.50
CA VAL B 40 -6.90 -3.07 24.66
C VAL B 40 -5.68 -3.31 25.57
N GLN B 41 -5.76 -2.81 26.78
CA GLN B 41 -4.67 -2.99 27.75
C GLN B 41 -4.66 -4.42 28.26
N LEU B 42 -3.54 -5.11 28.12
CA LEU B 42 -3.42 -6.52 28.58
C LEU B 42 -3.05 -6.58 30.04
N GLU B 43 -3.33 -7.70 30.66
CA GLU B 43 -3.02 -7.95 32.08
C GLU B 43 -1.79 -8.83 32.21
N PRO B 44 -0.81 -8.42 33.04
CA PRO B 44 0.31 -9.27 33.36
C PRO B 44 -0.19 -10.60 33.94
N GLY B 45 0.50 -11.69 33.62
CA GLY B 45 0.09 -13.02 34.11
C GLY B 45 -0.72 -13.77 33.06
N GLN B 46 -1.42 -13.06 32.17
CA GLN B 46 -2.02 -13.69 30.98
C GLN B 46 -0.91 -14.15 30.05
N SER B 47 -1.11 -15.26 29.36
CA SER B 47 -0.10 -15.77 28.40
C SER B 47 0.16 -14.72 27.30
N GLU B 48 -0.88 -14.01 26.89
CA GLU B 48 -0.78 -13.02 25.78
C GLU B 48 0.21 -11.92 26.20
N TYR B 49 0.07 -11.38 27.39
CA TYR B 49 1.00 -10.37 27.91
C TYR B 49 2.39 -10.98 28.07
N ASN B 50 2.45 -12.10 28.77
CA ASN B 50 3.74 -12.70 29.18
C ASN B 50 4.59 -13.04 27.95
N THR B 51 4.01 -13.55 26.87
CA THR B 51 4.78 -13.94 25.65
CA THR B 51 4.79 -13.94 25.67
C THR B 51 5.45 -12.70 25.06
N ILE B 52 4.73 -11.57 25.03
CA ILE B 52 5.28 -10.30 24.50
C ILE B 52 6.35 -9.80 25.46
N LYS B 53 6.07 -9.82 26.76
CA LYS B 53 7.09 -9.33 27.72
C LYS B 53 8.34 -10.19 27.57
N ASP B 54 8.22 -11.50 27.43
CA ASP B 54 9.41 -12.39 27.32
C ASP B 54 10.15 -12.06 26.04
N LYS B 55 9.43 -11.82 24.93
CA LYS B 55 10.05 -11.58 23.60
C LYS B 55 10.88 -10.29 23.69
N PHE B 56 10.33 -9.30 24.37
CA PHE B 56 10.99 -8.00 24.59
C PHE B 56 12.19 -8.18 25.53
N THR B 57 12.01 -8.85 26.67
CA THR B 57 13.06 -8.89 27.72
C THR B 57 14.21 -9.78 27.26
N ARG B 58 14.02 -10.63 26.28
CA ARG B 58 15.12 -11.49 25.77
C ARG B 58 16.32 -10.58 25.42
N THR B 59 16.06 -9.39 24.88
CA THR B 59 17.15 -8.47 24.47
C THR B 59 17.05 -7.11 25.15
N CYS B 60 16.01 -6.84 25.94
CA CYS B 60 15.79 -5.49 26.57
CA CYS B 60 15.76 -5.51 26.56
C CYS B 60 15.55 -5.61 28.08
N SER B 61 16.28 -6.48 28.76
CA SER B 61 16.09 -6.71 30.21
C SER B 61 16.45 -5.46 31.03
N SER B 62 17.17 -4.48 30.48
CA SER B 62 17.56 -3.25 31.24
C SER B 62 16.40 -2.24 31.31
N TYR B 63 15.40 -2.41 30.46
CA TYR B 63 14.20 -1.53 30.39
C TYR B 63 13.07 -2.19 31.17
N ALA B 64 12.03 -1.43 31.42
CA ALA B 64 10.85 -1.90 32.16
C ALA B 64 9.59 -1.49 31.43
N ILE B 65 8.71 -2.46 31.25
CA ILE B 65 7.44 -2.25 30.54
C ILE B 65 6.45 -1.54 31.46
N GLU B 66 5.86 -0.48 30.95
CA GLU B 66 4.73 0.22 31.59
C GLU B 66 3.44 -0.53 31.28
N LYS B 67 3.16 -0.74 30.01
CA LYS B 67 1.93 -1.44 29.61
C LYS B 67 2.11 -2.05 28.22
N ILE B 68 1.24 -3.02 27.93
CA ILE B 68 1.14 -3.62 26.58
C ILE B 68 -0.30 -3.56 26.12
N GLU B 69 -0.53 -2.94 24.97
CA GLU B 69 -1.88 -2.80 24.40
C GLU B 69 -1.97 -3.63 23.13
N ARG B 70 -3.06 -4.39 23.04
CA ARG B 70 -3.47 -5.06 21.78
C ARG B 70 -4.13 -4.03 20.87
N ILE B 71 -3.63 -3.93 19.63
CA ILE B 71 -4.20 -3.01 18.62
C ILE B 71 -5.28 -3.76 17.83
N GLN B 72 -6.53 -3.32 17.94
CA GLN B 72 -7.68 -3.96 17.22
C GLN B 72 -8.14 -2.98 16.16
N ASN B 73 -7.58 -3.12 14.95
CA ASN B 73 -7.82 -2.17 13.84
C ASN B 73 -8.44 -2.99 12.71
N ALA B 74 -9.76 -2.92 12.60
CA ALA B 74 -10.51 -3.81 11.71
C ALA B 74 -10.03 -3.67 10.26
N PHE B 75 -9.92 -2.42 9.77
CA PHE B 75 -9.59 -2.18 8.36
C PHE B 75 -8.14 -2.60 8.09
N LEU B 76 -7.19 -2.28 8.98
CA LEU B 76 -5.78 -2.69 8.74
C LEU B 76 -5.71 -4.22 8.73
N TRP B 77 -6.46 -4.85 9.64
CA TRP B 77 -6.41 -6.33 9.77
C TRP B 77 -6.92 -6.93 8.45
N GLN B 78 -8.04 -6.41 7.96
CA GLN B 78 -8.69 -6.97 6.75
C GLN B 78 -7.68 -6.87 5.60
N SER B 79 -7.06 -5.71 5.41
CA SER B 79 -6.20 -5.52 4.22
C SER B 79 -4.94 -6.38 4.36
N TYR B 80 -4.39 -6.46 5.57
CA TYR B 80 -3.22 -7.29 5.87
C TYR B 80 -3.54 -8.76 5.59
N GLN B 81 -4.67 -9.22 6.08
CA GLN B 81 -5.02 -10.67 5.93
C GLN B 81 -5.25 -10.99 4.46
N VAL B 82 -5.76 -10.02 3.67
CA VAL B 82 -5.82 -10.21 2.19
C VAL B 82 -4.42 -10.40 1.61
N LYS B 83 -3.47 -9.51 1.93
CA LYS B 83 -2.09 -9.64 1.44
C LYS B 83 -1.47 -10.96 1.91
N LYS B 84 -1.76 -11.39 3.13
CA LYS B 84 -1.15 -12.65 3.64
C LYS B 84 -1.71 -13.83 2.81
N ARG B 85 -3.02 -13.87 2.61
CA ARG B 85 -3.61 -14.97 1.82
C ARG B 85 -2.98 -15.01 0.42
N GLN B 86 -2.81 -13.83 -0.19
CA GLN B 86 -2.20 -13.74 -1.53
C GLN B 86 -0.76 -14.25 -1.48
N MET B 87 0.03 -13.83 -0.48
CA MET B 87 1.45 -14.29 -0.43
C MET B 87 1.51 -15.80 -0.19
N ASP B 88 0.64 -16.31 0.67
CA ASP B 88 0.57 -17.77 0.98
C ASP B 88 0.20 -18.54 -0.30
N ILE B 89 -0.65 -17.98 -1.14
CA ILE B 89 -1.03 -18.62 -2.44
C ILE B 89 0.20 -18.61 -3.34
N LYS B 90 0.82 -17.44 -3.48
CA LYS B 90 1.88 -17.22 -4.47
C LYS B 90 3.11 -18.02 -4.10
N ASN B 91 3.47 -18.08 -2.82
CA ASN B 91 4.75 -18.71 -2.39
C ASN B 91 4.65 -20.22 -2.16
N ASP B 92 3.45 -20.76 -1.87
N ASP B 92 3.44 -20.75 -1.97
CA ASP B 92 3.24 -22.22 -1.67
CA ASP B 92 3.13 -22.17 -1.60
C ASP B 92 4.09 -22.74 -0.48
C ASP B 92 4.06 -22.71 -0.49
N HIS B 93 3.47 -22.86 0.70
CA HIS B 93 4.00 -23.56 1.91
C HIS B 93 5.24 -22.86 2.49
N LYS B 94 5.35 -21.56 2.34
CA LYS B 94 6.38 -20.78 3.07
C LYS B 94 5.78 -20.27 4.38
N ASN B 95 6.62 -20.18 5.41
CA ASN B 95 6.30 -19.36 6.60
C ASN B 95 6.51 -17.92 6.13
N ASN B 96 5.44 -17.25 5.70
CA ASN B 96 5.57 -15.90 5.10
C ASN B 96 5.60 -14.81 6.18
N GLU B 97 5.18 -15.11 7.41
CA GLU B 97 4.93 -14.08 8.44
C GLU B 97 5.88 -14.25 9.61
N ARG B 98 6.51 -13.15 10.00
CA ARG B 98 7.41 -13.08 11.18
C ARG B 98 6.81 -12.06 12.15
N LEU B 99 7.11 -12.19 13.43
CA LEU B 99 6.71 -11.21 14.45
C LEU B 99 7.93 -10.36 14.82
N LEU B 100 7.88 -9.09 14.46
CA LEU B 100 9.09 -8.21 14.53
C LEU B 100 8.75 -6.99 15.36
N PHE B 101 9.76 -6.15 15.58
CA PHE B 101 9.61 -4.94 16.42
C PHE B 101 9.77 -3.70 15.56
N HIS B 102 9.15 -2.62 16.00
CA HIS B 102 9.30 -1.31 15.35
C HIS B 102 9.25 -0.22 16.41
N GLY B 103 10.37 0.45 16.60
CA GLY B 103 10.40 1.55 17.58
C GLY B 103 10.02 2.84 16.87
N THR B 104 9.23 3.69 17.51
CA THR B 104 8.94 4.98 16.88
C THR B 104 8.76 6.05 17.94
N ASP B 105 8.58 7.24 17.45
CA ASP B 105 8.36 8.43 18.30
C ASP B 105 6.89 8.54 18.69
N ALA B 106 6.64 9.22 19.78
CA ALA B 106 5.27 9.35 20.31
C ALA B 106 4.37 10.03 19.28
N ASP B 107 4.92 10.98 18.50
CA ASP B 107 4.12 11.80 17.57
C ASP B 107 3.57 10.90 16.45
N SER B 108 4.20 9.75 16.20
CA SER B 108 3.81 8.82 15.10
C SER B 108 2.77 7.80 15.57
N VAL B 109 2.60 7.61 16.87
CA VAL B 109 1.80 6.51 17.44
C VAL B 109 0.34 6.64 17.00
N PRO B 110 -0.35 7.80 17.08
CA PRO B 110 -1.76 7.86 16.65
C PRO B 110 -1.92 7.44 15.19
N TYR B 111 -0.99 7.86 14.32
CA TYR B 111 -1.07 7.57 12.87
C TYR B 111 -0.88 6.07 12.68
N VAL B 112 0.16 5.48 13.29
CA VAL B 112 0.44 4.02 13.12
C VAL B 112 -0.77 3.22 13.61
N ASN B 113 -1.30 3.60 14.76
CA ASN B 113 -2.43 2.82 15.34
C ASN B 113 -3.58 2.76 14.34
N GLN B 114 -3.86 3.85 13.65
CA GLN B 114 -5.02 4.04 12.77
C GLN B 114 -4.68 3.56 11.36
N HIS B 115 -3.47 3.82 10.88
CA HIS B 115 -3.18 3.76 9.42
C HIS B 115 -2.03 2.83 9.07
N GLY B 116 -1.33 2.32 10.06
CA GLY B 116 -0.20 1.41 9.88
C GLY B 116 1.08 2.12 9.46
N PHE B 117 1.97 1.39 8.82
CA PHE B 117 3.35 1.81 8.54
C PHE B 117 3.44 2.34 7.12
N ASN B 118 3.78 3.62 7.01
CA ASN B 118 3.83 4.34 5.74
C ASN B 118 5.30 4.50 5.35
N ARG B 119 5.74 3.83 4.28
CA ARG B 119 7.14 3.96 3.83
C ARG B 119 7.48 5.42 3.49
N SER B 120 6.49 6.23 3.12
CA SER B 120 6.72 7.63 2.68
C SER B 120 7.16 8.48 3.87
N CYS B 121 6.91 8.00 5.09
CA CYS B 121 7.21 8.72 6.36
C CYS B 121 8.47 8.16 7.04
N ALA B 122 9.08 7.11 6.49
CA ALA B 122 10.11 6.30 7.17
C ALA B 122 11.41 7.09 7.23
N GLY B 123 12.17 6.93 8.30
CA GLY B 123 13.49 7.57 8.41
C GLY B 123 14.51 6.84 7.57
N LYS B 124 15.60 7.48 7.16
CA LYS B 124 16.77 6.77 6.61
C LYS B 124 17.38 5.98 7.77
N ASN B 125 17.56 4.67 7.62
CA ASN B 125 18.20 3.83 8.66
C ASN B 125 19.72 4.09 8.61
N ALA B 126 20.41 3.99 9.75
CA ALA B 126 21.87 4.20 9.84
C ALA B 126 22.59 3.19 8.95
N VAL B 127 22.05 1.97 8.79
CA VAL B 127 22.54 1.06 7.71
C VAL B 127 21.35 0.79 6.78
N SER B 128 21.35 1.41 5.61
CA SER B 128 20.18 1.36 4.71
C SER B 128 20.32 0.19 3.75
N TYR B 129 19.31 -0.67 3.79
CA TYR B 129 19.12 -1.80 2.84
C TYR B 129 17.93 -1.53 1.92
N GLY B 130 17.50 -0.29 1.80
CA GLY B 130 16.42 0.16 0.93
C GLY B 130 15.56 1.22 1.57
N LYS B 131 14.80 1.89 0.74
CA LYS B 131 13.88 2.99 1.08
C LYS B 131 12.51 2.37 1.40
N GLY B 132 12.38 1.81 2.57
CA GLY B 132 11.12 1.18 3.00
C GLY B 132 10.90 1.33 4.48
N THR B 133 9.94 0.59 5.03
CA THR B 133 9.73 0.54 6.51
C THR B 133 10.57 -0.60 7.09
N TYR B 134 11.29 -0.34 8.16
CA TYR B 134 12.22 -1.26 8.83
C TYR B 134 11.54 -1.90 10.04
N PHE B 135 11.87 -3.17 10.23
CA PHE B 135 11.40 -3.99 11.34
C PHE B 135 12.55 -4.81 11.86
N ALA B 136 12.68 -4.86 13.19
CA ALA B 136 13.80 -5.55 13.83
C ALA B 136 13.39 -6.93 14.35
N VAL B 137 14.33 -7.85 14.26
CA VAL B 137 14.21 -9.17 14.92
C VAL B 137 14.31 -8.98 16.44
N ASP B 138 15.25 -8.16 16.89
CA ASP B 138 15.52 -7.99 18.34
C ASP B 138 14.93 -6.69 18.86
N ALA B 139 14.22 -6.75 19.98
CA ALA B 139 13.69 -5.53 20.62
C ALA B 139 14.82 -4.55 20.93
N SER B 140 16.02 -5.04 21.24
CA SER B 140 17.16 -4.14 21.60
C SER B 140 17.42 -3.12 20.49
N TYR B 141 17.27 -3.52 19.24
CA TYR B 141 17.54 -2.61 18.10
C TYR B 141 16.49 -1.49 18.12
N SER B 142 15.21 -1.91 18.17
CA SER B 142 14.08 -0.96 18.19
C SER B 142 14.13 -0.09 19.46
N ALA B 143 14.76 -0.57 20.53
CA ALA B 143 14.79 0.16 21.84
C ALA B 143 15.79 1.32 21.78
N LYS B 144 16.61 1.42 20.73
CA LYS B 144 17.53 2.57 20.62
C LYS B 144 16.72 3.86 20.58
N ASP B 145 17.21 4.89 21.27
CA ASP B 145 16.53 6.20 21.31
C ASP B 145 16.38 6.76 19.89
N THR B 146 17.22 6.37 18.93
CA THR B 146 17.13 6.88 17.54
C THR B 146 15.78 6.43 16.93
N TYR B 147 15.18 5.34 17.43
CA TYR B 147 13.89 4.80 16.92
C TYR B 147 12.77 5.10 17.90
N SER B 148 12.80 4.48 19.08
CA SER B 148 11.79 4.67 20.13
C SER B 148 12.17 5.92 20.95
N LYS B 149 12.06 7.10 20.33
CA LYS B 149 12.53 8.36 20.93
C LYS B 149 11.79 8.54 22.24
N PRO B 150 12.49 8.79 23.37
CA PRO B 150 11.76 9.05 24.61
C PRO B 150 10.91 10.33 24.45
N ASP B 151 9.67 10.26 24.95
CA ASP B 151 8.74 11.42 24.91
C ASP B 151 9.08 12.33 26.09
N SER B 152 8.33 13.39 26.27
CA SER B 152 8.67 14.39 27.33
C SER B 152 8.48 13.77 28.73
N ASN B 153 7.84 12.61 28.87
CA ASN B 153 7.70 11.91 30.19
C ASN B 153 8.63 10.69 30.26
N GLY B 154 9.56 10.54 29.32
CA GLY B 154 10.52 9.43 29.36
C GLY B 154 9.93 8.11 28.87
N ARG B 155 8.75 8.14 28.26
CA ARG B 155 8.11 6.93 27.72
C ARG B 155 8.66 6.67 26.32
N LYS B 156 9.04 5.41 26.10
CA LYS B 156 9.48 4.93 24.78
C LYS B 156 8.38 3.98 24.27
N HIS B 157 8.25 3.94 22.96
CA HIS B 157 7.14 3.24 22.29
C HIS B 157 7.69 2.26 21.25
N MET B 158 7.29 1.00 21.36
CA MET B 158 7.68 -0.06 20.39
C MET B 158 6.46 -0.86 19.99
N TYR B 159 6.24 -1.02 18.70
CA TYR B 159 5.22 -1.96 18.18
C TYR B 159 5.83 -3.34 18.06
N VAL B 160 4.95 -4.32 18.28
CA VAL B 160 5.15 -5.74 17.88
C VAL B 160 4.25 -5.97 16.68
N VAL B 161 4.86 -6.41 15.58
CA VAL B 161 4.23 -6.30 14.24
C VAL B 161 4.27 -7.66 13.53
N ARG B 162 3.12 -8.05 12.96
CA ARG B 162 3.11 -9.19 12.02
C ARG B 162 3.57 -8.64 10.68
N VAL B 163 4.66 -9.18 10.17
CA VAL B 163 5.26 -8.70 8.91
C VAL B 163 5.32 -9.86 7.90
N LEU B 164 4.85 -9.55 6.70
CA LEU B 164 4.91 -10.53 5.60
C LEU B 164 6.28 -10.44 4.93
N THR B 165 7.26 -11.08 5.55
CA THR B 165 8.64 -11.13 5.04
C THR B 165 8.74 -12.01 3.79
N GLY B 166 7.92 -13.04 3.73
CA GLY B 166 7.91 -13.94 2.57
C GLY B 166 9.29 -14.44 2.21
N VAL B 167 9.59 -14.39 0.92
CA VAL B 167 10.89 -14.80 0.36
C VAL B 167 11.74 -13.52 0.27
N PHE B 168 12.93 -13.53 0.83
CA PHE B 168 13.71 -12.29 0.94
C PHE B 168 15.14 -12.52 0.45
N THR B 169 15.79 -11.40 0.22
CA THR B 169 17.21 -11.37 -0.19
C THR B 169 17.88 -10.20 0.53
N LYS B 170 19.20 -10.12 0.45
CA LYS B 170 19.95 -8.99 0.99
C LYS B 170 19.57 -7.74 0.22
N GLY B 171 19.18 -6.70 0.94
CA GLY B 171 18.80 -5.42 0.34
C GLY B 171 20.00 -4.57 -0.06
N ARG B 172 19.66 -3.43 -0.63
CA ARG B 172 20.62 -2.41 -1.15
CA ARG B 172 20.66 -2.40 -1.03
C ARG B 172 20.01 -1.03 -0.93
N ALA B 173 20.83 -0.04 -0.60
CA ALA B 173 20.31 1.30 -0.25
C ALA B 173 19.48 1.92 -1.37
N GLY B 174 19.74 1.62 -2.64
CA GLY B 174 18.95 2.27 -3.71
C GLY B 174 17.52 1.73 -3.89
N LEU B 175 17.15 0.64 -3.24
CA LEU B 175 15.84 0.00 -3.57
C LEU B 175 14.66 0.90 -3.18
N VAL B 176 13.67 1.04 -4.03
CA VAL B 176 12.35 1.63 -3.62
C VAL B 176 11.25 0.56 -3.66
N THR B 177 11.56 -0.64 -4.18
CA THR B 177 10.75 -1.90 -4.07
C THR B 177 11.71 -3.06 -3.87
N PRO B 178 11.28 -4.28 -3.47
CA PRO B 178 12.22 -5.38 -3.41
C PRO B 178 12.66 -5.65 -4.84
N PRO B 179 13.86 -6.24 -4.94
CA PRO B 179 14.44 -6.53 -6.23
C PRO B 179 13.70 -7.72 -6.84
N PRO B 180 13.82 -7.88 -8.16
CA PRO B 180 13.34 -9.09 -8.81
C PRO B 180 14.18 -10.30 -8.38
N LYS B 181 13.56 -11.46 -8.43
CA LYS B 181 14.25 -12.75 -8.19
CA LYS B 181 14.26 -12.74 -8.18
C LYS B 181 15.15 -13.04 -9.38
N ASN B 182 14.71 -12.58 -10.55
CA ASN B 182 15.34 -12.91 -11.83
C ASN B 182 15.40 -11.65 -12.68
N PRO B 183 16.60 -11.18 -13.04
CA PRO B 183 16.71 -9.92 -13.77
C PRO B 183 16.00 -9.88 -15.13
N HIS B 184 15.70 -11.07 -15.69
CA HIS B 184 15.00 -11.17 -16.99
C HIS B 184 13.49 -11.16 -16.83
N ASN B 185 13.01 -11.11 -15.58
CA ASN B 185 11.57 -11.04 -15.25
C ASN B 185 11.41 -9.99 -14.15
N PRO B 186 11.54 -8.71 -14.51
CA PRO B 186 11.71 -7.67 -13.49
C PRO B 186 10.47 -7.47 -12.60
N THR B 187 9.31 -8.03 -12.94
CA THR B 187 8.08 -7.78 -12.13
C THR B 187 7.84 -8.88 -11.10
N ASP B 188 8.62 -9.95 -11.10
CA ASP B 188 8.45 -11.08 -10.14
C ASP B 188 9.41 -10.85 -8.98
N LEU B 189 8.86 -10.32 -7.90
CA LEU B 189 9.70 -9.66 -6.87
C LEU B 189 9.92 -10.60 -5.69
N PHE B 190 11.04 -10.40 -4.98
CA PHE B 190 11.13 -10.79 -3.57
C PHE B 190 10.04 -10.07 -2.78
N ASP B 191 9.63 -10.66 -1.66
CA ASP B 191 8.58 -10.02 -0.83
C ASP B 191 9.16 -8.95 0.11
N SER B 192 10.42 -9.13 0.51
CA SER B 192 11.08 -8.18 1.42
C SER B 192 12.58 -8.29 1.23
N VAL B 193 13.32 -7.41 1.89
CA VAL B 193 14.79 -7.59 1.95
C VAL B 193 15.27 -7.53 3.41
N THR B 194 16.51 -7.95 3.58
CA THR B 194 17.12 -8.07 4.91
C THR B 194 18.56 -7.59 4.86
N ASN B 195 19.17 -7.49 6.02
CA ASN B 195 20.60 -7.10 6.10
C ASN B 195 21.51 -8.28 5.73
N ASN B 196 21.08 -9.49 6.05
CA ASN B 196 21.92 -10.72 6.00
C ASN B 196 20.97 -11.92 5.91
N THR B 197 21.00 -12.70 4.84
CA THR B 197 20.00 -13.78 4.63
C THR B 197 20.26 -14.98 5.55
N ARG B 198 21.52 -15.22 5.92
CA ARG B 198 21.91 -16.36 6.81
CA ARG B 198 21.93 -16.35 6.82
C ARG B 198 21.62 -15.98 8.26
N SER B 199 21.69 -14.69 8.62
CA SER B 199 21.46 -14.23 10.02
C SER B 199 20.65 -12.94 9.99
N PRO B 200 19.36 -12.98 9.59
CA PRO B 200 18.60 -11.75 9.45
C PRO B 200 18.36 -11.06 10.80
N LYS B 201 18.60 -9.76 10.86
CA LYS B 201 18.26 -8.97 12.08
C LYS B 201 17.34 -7.80 11.76
N LEU B 202 17.19 -7.44 10.49
CA LEU B 202 16.20 -6.44 10.10
C LEU B 202 15.57 -6.86 8.78
N PHE B 203 14.35 -6.42 8.61
CA PHE B 203 13.60 -6.62 7.36
C PHE B 203 13.04 -5.29 6.92
N VAL B 204 13.03 -5.08 5.61
CA VAL B 204 12.47 -3.86 5.01
C VAL B 204 11.31 -4.30 4.13
N VAL B 205 10.16 -3.66 4.28
CA VAL B 205 9.02 -3.87 3.36
C VAL B 205 8.68 -2.54 2.68
N PHE B 206 8.15 -2.68 1.49
CA PHE B 206 8.00 -1.55 0.55
C PHE B 206 6.56 -1.34 0.10
N PHE B 207 5.61 -2.08 0.70
CA PHE B 207 4.19 -1.96 0.30
C PHE B 207 3.31 -1.73 1.52
N ASP B 208 2.20 -1.04 1.27
CA ASP B 208 1.18 -0.84 2.32
C ASP B 208 0.57 -2.21 2.64
N ASN B 209 0.12 -2.34 3.87
CA ASN B 209 -0.66 -3.51 4.33
C ASN B 209 0.21 -4.80 4.25
N GLN B 210 1.52 -4.69 4.32
CA GLN B 210 2.43 -5.83 4.48
C GLN B 210 2.85 -6.02 5.95
N ALA B 211 2.37 -5.16 6.84
CA ALA B 211 2.74 -5.19 8.26
C ALA B 211 1.51 -4.76 9.07
N TYR B 212 1.11 -5.56 10.04
CA TYR B 212 -0.01 -5.23 10.93
C TYR B 212 0.54 -4.93 12.31
N PRO B 213 0.33 -3.70 12.82
CA PRO B 213 0.73 -3.36 14.18
C PRO B 213 -0.20 -4.07 15.17
N GLU B 214 0.34 -5.05 15.89
CA GLU B 214 -0.49 -5.95 16.71
C GLU B 214 -0.46 -5.52 18.18
N TYR B 215 0.70 -5.12 18.71
CA TYR B 215 0.82 -4.67 20.12
C TYR B 215 1.64 -3.38 20.14
N LEU B 216 1.27 -2.49 21.06
CA LEU B 216 2.12 -1.35 21.39
C LEU B 216 2.67 -1.55 22.79
N ILE B 217 3.99 -1.60 22.91
CA ILE B 217 4.70 -1.66 24.20
C ILE B 217 5.11 -0.23 24.56
N THR B 218 4.63 0.23 25.71
CA THR B 218 5.11 1.49 26.33
C THR B 218 6.08 1.09 27.41
N PHE B 219 7.26 1.70 27.44
CA PHE B 219 8.32 1.24 28.37
C PHE B 219 9.23 2.40 28.73
N THR B 220 9.97 2.20 29.81
CA THR B 220 10.86 3.25 30.36
C THR B 220 12.20 2.63 30.75
N ALA B 221 13.22 3.49 30.95
CA ALA B 221 14.46 3.06 31.62
C ALA B 221 14.16 2.79 33.10
CAK 0Q6 C . -0.66 18.72 -13.58
CAL 0Q6 C . -0.83 20.09 -13.34
BR 0Q6 C . -2.00 21.07 -14.55
CAN 0Q6 C . -0.18 20.74 -12.28
CAO 0Q6 C . 0.63 19.98 -11.47
CAP 0Q6 C . 0.78 18.61 -11.70
CAJ 0Q6 C . 0.14 17.95 -12.76
CAI 0Q6 C . 0.36 16.58 -12.94
OAH 0Q6 C . -0.88 15.89 -13.28
CAG 0Q6 C . -0.76 14.64 -13.84
CAF 0Q6 C . -1.93 14.01 -14.28
CAE 0Q6 C . -1.86 12.75 -14.92
CAD 0Q6 C . -0.64 12.13 -15.13
CAB 0Q6 C . -0.55 10.91 -15.79
OAC 0Q6 C . -1.41 10.59 -16.67
NAA 0Q6 C . 0.53 10.18 -15.54
CAR 0Q6 C . 0.53 12.78 -14.66
CAQ 0Q6 C . 0.45 14.01 -14.02
C1 MPD D . 3.97 6.73 -12.11
C2 MPD D . 4.18 5.58 -13.10
O2 MPD D . 3.53 6.01 -14.33
CM MPD D . 5.67 5.38 -13.37
C3 MPD D . 3.54 4.27 -12.62
C4 MPD D . 3.88 3.81 -11.17
O4 MPD D . 2.91 4.31 -10.20
C5 MPD D . 4.01 2.32 -10.94
S DMS E . 13.33 0.32 14.06
O DMS E . 12.57 -0.26 15.23
C1 DMS E . 13.50 -1.02 12.96
C2 DMS E . 12.28 1.36 13.12
#